data_9HF4
#
_entry.id   9HF4
#
_cell.length_a   51.726
_cell.length_b   51.726
_cell.length_c   145.241
_cell.angle_alpha   90.00
_cell.angle_beta   90.00
_cell.angle_gamma   90.00
#
_symmetry.space_group_name_H-M   'P 41 21 2'
#
loop_
_entity.id
_entity.type
_entity.pdbx_description
1 polymer 'Telomeric repeat-binding factor 1'
2 non-polymer '4-phenylmethoxynaphthalene-1-sulfonic acid'
3 non-polymer 'DIMETHYL SULFOXIDE'
4 non-polymer 1,2-ETHANEDIOL
5 non-polymer 'CALCIUM ION'
6 water water
#
_entity_poly.entity_id   1
_entity_poly.type   'polypeptide(L)'
_entity_poly.pdbx_seq_one_letter_code
;SNAQVQVGAPEEEEEEEEDAGLVAEAEAVAAGWMLDFLCLSLCRAFRDGRSEDFRRTRNSAEAIIHGLSSLTACQLRTIY
ICQFLTRIAAGKTLDAQFENDERITPLESALMIWGSIEKEHDKLHEEIQNLIKIQAIAVCMENGNFKEAEEVFERIFGDP
NSHMPFKSKLLMIISQKDTFHSFFQHFSYNHMMEKIKSYVNYVLSEKSSTFLMKAAAKVVESKR
;
_entity_poly.pdbx_strand_id   A
#
# COMPACT_ATOMS: atom_id res chain seq x y z
N GLU A 15 22.71 12.15 36.29
CA GLU A 15 23.49 11.27 35.43
C GLU A 15 22.67 10.09 34.94
N GLU A 16 21.89 9.44 35.83
CA GLU A 16 21.05 8.29 35.48
C GLU A 16 19.82 8.67 34.61
N GLU A 17 19.43 9.95 34.63
CA GLU A 17 18.34 10.48 33.81
C GLU A 17 18.85 10.70 32.38
N GLU A 18 20.12 11.19 32.26
CA GLU A 18 20.83 11.42 31.00
C GLU A 18 21.17 10.10 30.32
N ASP A 19 21.53 9.05 31.11
CA ASP A 19 21.83 7.72 30.58
C ASP A 19 20.58 7.11 30.01
N ALA A 20 19.45 7.23 30.74
CA ALA A 20 18.15 6.75 30.27
C ALA A 20 17.75 7.51 28.98
N GLY A 21 18.07 8.80 28.92
CA GLY A 21 17.81 9.65 27.76
C GLY A 21 18.59 9.22 26.55
N LEU A 22 19.89 8.90 26.72
CA LEU A 22 20.74 8.41 25.65
C LEU A 22 20.22 7.09 25.12
N VAL A 23 19.79 6.20 26.04
CA VAL A 23 19.22 4.90 25.71
C VAL A 23 17.95 5.08 24.87
N ALA A 24 17.03 5.96 25.30
CA ALA A 24 15.80 6.20 24.55
C ALA A 24 16.11 6.75 23.16
N GLU A 25 17.09 7.68 23.06
CA GLU A 25 17.50 8.23 21.75
C GLU A 25 18.02 7.12 20.84
N ALA A 26 18.91 6.25 21.38
CA ALA A 26 19.45 5.10 20.63
C ALA A 26 18.34 4.13 20.20
N GLU A 27 17.38 3.82 21.09
CA GLU A 27 16.23 2.99 20.73
C GLU A 27 15.40 3.66 19.63
N ALA A 28 15.28 5.01 19.65
CA ALA A 28 14.53 5.70 18.59
C ALA A 28 15.29 5.59 17.24
N VAL A 29 16.64 5.74 17.26
CA VAL A 29 17.46 5.53 16.06
C VAL A 29 17.28 4.08 15.53
N ALA A 30 17.34 3.07 16.41
CA ALA A 30 17.18 1.67 15.97
C ALA A 30 15.77 1.40 15.44
N ALA A 31 14.74 1.96 16.07
CA ALA A 31 13.37 1.77 15.58
C ALA A 31 13.17 2.37 14.21
N GLY A 32 13.82 3.51 13.95
CA GLY A 32 13.77 4.17 12.65
C GLY A 32 14.44 3.32 11.58
N TRP A 33 15.53 2.62 11.92
CA TRP A 33 16.24 1.75 10.98
C TRP A 33 15.41 0.50 10.68
N MET A 34 14.77 -0.06 11.72
CA MET A 34 13.94 -1.24 11.63
C MET A 34 12.72 -0.94 10.80
N LEU A 35 12.09 0.24 11.00
CA LEU A 35 10.94 0.67 10.19
C LEU A 35 11.33 0.71 8.71
N ASP A 36 12.45 1.38 8.37
CA ASP A 36 12.93 1.46 6.99
C ASP A 36 13.15 0.06 6.40
N PHE A 37 13.81 -0.84 7.16
CA PHE A 37 14.03 -2.20 6.68
C PHE A 37 12.70 -2.96 6.45
N LEU A 38 11.77 -2.87 7.41
CA LEU A 38 10.49 -3.56 7.30
C LEU A 38 9.67 -3.06 6.11
N CYS A 39 9.76 -1.74 5.83
CA CYS A 39 9.04 -1.19 4.71
CA CYS A 39 9.07 -1.15 4.66
C CYS A 39 9.62 -1.76 3.39
N LEU A 40 10.96 -1.77 3.22
CA LEU A 40 11.64 -2.32 2.07
C LEU A 40 11.26 -3.78 1.88
N SER A 41 11.26 -4.54 2.97
CA SER A 41 10.89 -5.96 2.92
CA SER A 41 10.92 -5.95 2.94
C SER A 41 9.43 -6.14 2.53
N LEU A 42 8.54 -5.25 2.98
CA LEU A 42 7.11 -5.35 2.65
C LEU A 42 6.86 -5.10 1.14
N CYS A 43 7.54 -4.09 0.55
CA CYS A 43 7.46 -3.71 -0.85
C CYS A 43 7.96 -4.84 -1.73
N ARG A 44 9.09 -5.47 -1.32
CA ARG A 44 9.71 -6.60 -1.99
C ARG A 44 8.75 -7.79 -1.99
N ALA A 45 8.09 -8.05 -0.84
CA ALA A 45 7.13 -9.17 -0.71
C ALA A 45 5.92 -8.93 -1.63
N PHE A 46 5.43 -7.68 -1.68
CA PHE A 46 4.29 -7.28 -2.52
C PHE A 46 4.67 -7.53 -3.98
N ARG A 47 5.86 -7.06 -4.38
CA ARG A 47 6.39 -7.23 -5.72
C ARG A 47 6.54 -8.69 -6.12
N ASP A 48 7.12 -9.54 -5.24
CA ASP A 48 7.29 -10.97 -5.57
C ASP A 48 6.02 -11.79 -5.44
N GLY A 49 4.96 -11.24 -4.89
CA GLY A 49 3.73 -11.98 -4.65
C GLY A 49 3.88 -13.02 -3.55
N ARG A 50 4.82 -12.81 -2.59
CA ARG A 50 5.05 -13.72 -1.44
C ARG A 50 4.08 -13.19 -0.38
N SER A 51 2.78 -13.55 -0.49
CA SER A 51 1.75 -12.91 0.35
C SER A 51 1.77 -13.28 1.84
N GLU A 52 2.33 -14.44 2.19
CA GLU A 52 2.45 -14.82 3.60
C GLU A 52 3.54 -14.00 4.29
N ASP A 53 4.65 -13.73 3.57
CA ASP A 53 5.73 -12.87 4.03
C ASP A 53 5.24 -11.47 4.17
N PHE A 54 4.36 -11.00 3.23
CA PHE A 54 3.79 -9.65 3.27
C PHE A 54 2.94 -9.56 4.53
N ARG A 55 2.11 -10.58 4.81
CA ARG A 55 1.28 -10.58 6.01
C ARG A 55 2.15 -10.45 7.28
N ARG A 56 3.12 -11.36 7.48
CA ARG A 56 4.02 -11.35 8.63
C ARG A 56 4.82 -10.06 8.78
N THR A 57 5.36 -9.55 7.69
CA THR A 57 6.11 -8.30 7.73
C THR A 57 5.21 -7.10 8.02
N ARG A 58 3.94 -7.14 7.58
CA ARG A 58 3.03 -6.04 7.87
C ARG A 58 2.77 -6.01 9.37
N ASN A 59 2.58 -7.19 10.02
CA ASN A 59 2.43 -7.29 11.47
C ASN A 59 3.63 -6.66 12.20
N SER A 60 4.87 -6.95 11.70
CA SER A 60 6.12 -6.44 12.25
C SER A 60 6.25 -4.92 12.07
N ALA A 61 5.98 -4.41 10.86
CA ALA A 61 6.02 -2.97 10.61
C ALA A 61 5.00 -2.25 11.52
N GLU A 62 3.77 -2.76 11.63
CA GLU A 62 2.78 -2.12 12.51
C GLU A 62 3.26 -2.04 13.96
N ALA A 63 3.69 -3.19 14.54
CA ALA A 63 4.22 -3.24 15.90
C ALA A 63 5.40 -2.29 16.10
N ILE A 64 6.36 -2.26 15.17
CA ILE A 64 7.49 -1.30 15.28
C ILE A 64 7.02 0.16 15.31
N ILE A 65 6.06 0.51 14.41
CA ILE A 65 5.54 1.89 14.37
C ILE A 65 4.85 2.27 15.68
N HIS A 66 4.15 1.31 16.34
CA HIS A 66 3.53 1.61 17.62
C HIS A 66 4.55 1.93 18.74
N GLY A 67 5.82 1.57 18.53
CA GLY A 67 6.90 1.83 19.48
C GLY A 67 7.72 3.07 19.15
N LEU A 68 7.36 3.78 18.08
CA LEU A 68 7.99 5.01 17.63
C LEU A 68 7.15 6.20 18.06
N SER A 69 7.77 7.36 18.29
CA SER A 69 7.01 8.57 18.60
C SER A 69 7.20 9.61 17.50
N SER A 70 8.45 9.86 17.13
CA SER A 70 8.75 10.84 16.10
C SER A 70 8.99 10.15 14.77
N LEU A 71 8.55 10.80 13.70
CA LEU A 71 8.74 10.27 12.35
C LEU A 71 9.19 11.40 11.46
N THR A 72 10.20 11.17 10.64
CA THR A 72 10.60 12.17 9.65
C THR A 72 9.57 12.13 8.53
N ALA A 73 9.54 13.15 7.66
CA ALA A 73 8.60 13.18 6.53
C ALA A 73 8.78 11.95 5.63
N CYS A 74 10.04 11.53 5.38
CA CYS A 74 10.35 10.39 4.54
CA CYS A 74 10.35 10.39 4.54
C CYS A 74 9.81 9.10 5.13
N GLN A 75 9.81 8.99 6.47
CA GLN A 75 9.29 7.82 7.14
C GLN A 75 7.76 7.81 7.12
N LEU A 76 7.12 8.98 7.15
CA LEU A 76 5.68 9.05 7.06
C LEU A 76 5.23 8.64 5.67
N ARG A 77 5.94 9.12 4.64
CA ARG A 77 5.69 8.79 3.22
C ARG A 77 5.83 7.28 3.04
N THR A 78 6.87 6.72 3.64
CA THR A 78 7.19 5.31 3.71
C THR A 78 6.03 4.51 4.34
N ILE A 79 5.54 4.94 5.50
CA ILE A 79 4.42 4.30 6.18
C ILE A 79 3.17 4.33 5.29
N TYR A 80 2.87 5.47 4.62
CA TYR A 80 1.72 5.59 3.73
C TYR A 80 1.77 4.63 2.58
N ILE A 81 2.94 4.43 1.99
CA ILE A 81 3.12 3.46 0.89
C ILE A 81 2.82 2.06 1.39
N CYS A 82 3.29 1.71 2.58
CA CYS A 82 3.01 0.41 3.17
C CYS A 82 1.54 0.20 3.45
N GLN A 83 0.85 1.27 3.84
CA GLN A 83 -0.61 1.16 4.11
C GLN A 83 -1.34 0.97 2.77
N PHE A 84 -0.88 1.66 1.73
CA PHE A 84 -1.51 1.54 0.39
C PHE A 84 -1.38 0.11 -0.10
N LEU A 85 -0.19 -0.46 0.03
CA LEU A 85 0.06 -1.85 -0.46
C LEU A 85 -0.85 -2.83 0.32
N THR A 86 -0.99 -2.62 1.62
CA THR A 86 -1.82 -3.50 2.46
C THR A 86 -3.25 -3.48 1.97
N ARG A 87 -3.76 -2.29 1.64
CA ARG A 87 -5.17 -2.16 1.20
C ARG A 87 -5.33 -2.71 -0.22
N ILE A 88 -4.33 -2.52 -1.08
CA ILE A 88 -4.38 -3.11 -2.45
C ILE A 88 -4.42 -4.63 -2.33
N ALA A 89 -3.58 -5.20 -1.46
CA ALA A 89 -3.57 -6.66 -1.25
C ALA A 89 -4.91 -7.14 -0.67
N ALA A 90 -5.55 -6.31 0.16
CA ALA A 90 -6.86 -6.63 0.71
C ALA A 90 -8.00 -6.10 -0.17
N GLY A 91 -7.72 -5.63 -1.39
CA GLY A 91 -8.67 -5.07 -2.33
C GLY A 91 -9.90 -5.91 -2.64
N LYS A 92 -9.74 -7.23 -2.67
CA LYS A 92 -10.90 -8.11 -2.93
C LYS A 92 -11.61 -8.54 -1.62
N THR A 93 -11.05 -8.20 -0.44
CA THR A 93 -11.58 -8.52 0.87
C THR A 93 -12.55 -7.42 1.30
N LEU A 94 -13.78 -7.41 0.74
CA LEU A 94 -14.77 -6.38 1.08
C LEU A 94 -15.20 -6.38 2.55
N ASP A 95 -14.85 -7.42 3.33
CA ASP A 95 -15.13 -7.47 4.77
C ASP A 95 -14.01 -6.80 5.60
N ALA A 96 -13.01 -6.17 4.95
CA ALA A 96 -11.94 -5.48 5.67
C ALA A 96 -12.31 -4.02 5.90
N GLN A 97 -12.14 -3.55 7.12
CA GLN A 97 -12.43 -2.17 7.47
C GLN A 97 -11.11 -1.46 7.73
N PHE A 98 -10.72 -0.56 6.83
CA PHE A 98 -9.48 0.19 6.99
C PHE A 98 -9.70 1.61 7.51
N GLU A 99 -10.95 2.11 7.48
CA GLU A 99 -11.31 3.45 7.93
C GLU A 99 -12.36 3.40 9.04
N ASN A 100 -12.48 4.50 9.81
CA ASN A 100 -13.52 4.65 10.82
C ASN A 100 -14.89 4.62 10.13
N ASP A 101 -14.99 5.18 8.91
CA ASP A 101 -16.20 5.08 8.12
C ASP A 101 -16.20 3.63 7.59
N GLU A 102 -17.18 2.83 8.03
CA GLU A 102 -17.26 1.42 7.69
C GLU A 102 -17.74 1.11 6.25
N ARG A 103 -18.16 2.15 5.50
CA ARG A 103 -18.58 2.00 4.11
C ARG A 103 -17.40 2.08 3.13
N ILE A 104 -16.26 2.62 3.56
CA ILE A 104 -15.10 2.78 2.69
C ILE A 104 -14.42 1.43 2.48
N THR A 105 -14.53 0.95 1.23
CA THR A 105 -13.96 -0.33 0.82
C THR A 105 -12.44 -0.23 0.75
N PRO A 106 -11.73 -1.37 0.82
CA PRO A 106 -10.26 -1.34 0.77
C PRO A 106 -9.67 -0.58 -0.43
N LEU A 107 -10.21 -0.75 -1.65
CA LEU A 107 -9.69 -0.03 -2.81
C LEU A 107 -9.99 1.47 -2.75
N GLU A 108 -11.12 1.87 -2.16
CA GLU A 108 -11.40 3.28 -1.97
C GLU A 108 -10.41 3.87 -0.95
N SER A 109 -10.10 3.09 0.11
CA SER A 109 -9.12 3.46 1.12
C SER A 109 -7.72 3.60 0.49
N ALA A 110 -7.29 2.66 -0.38
CA ALA A 110 -6.00 2.80 -1.08
C ALA A 110 -5.97 4.03 -2.01
N LEU A 111 -7.10 4.35 -2.66
CA LEU A 111 -7.19 5.49 -3.55
C LEU A 111 -7.00 6.79 -2.77
N MET A 112 -7.59 6.88 -1.56
CA MET A 112 -7.44 8.07 -0.70
C MET A 112 -5.97 8.26 -0.35
N ILE A 113 -5.25 7.21 0.07
CA ILE A 113 -3.82 7.29 0.34
C ILE A 113 -3.00 7.67 -0.92
N TRP A 114 -3.28 7.01 -2.06
CA TRP A 114 -2.61 7.32 -3.32
C TRP A 114 -2.68 8.80 -3.70
N GLY A 115 -3.82 9.44 -3.50
CA GLY A 115 -3.96 10.88 -3.79
C GLY A 115 -3.47 11.80 -2.68
N SER A 116 -2.93 11.23 -1.59
CA SER A 116 -2.43 11.91 -0.41
C SER A 116 -0.91 11.76 -0.19
N ILE A 117 -0.28 10.72 -0.74
CA ILE A 117 1.18 10.59 -0.64
C ILE A 117 1.86 11.79 -1.36
N GLU A 118 2.90 12.37 -0.76
CA GLU A 118 3.68 13.44 -1.38
C GLU A 118 4.59 12.70 -2.37
N LYS A 119 4.18 12.63 -3.62
CA LYS A 119 4.92 11.92 -4.66
C LYS A 119 4.62 12.58 -5.99
N GLU A 120 5.42 12.28 -7.04
CA GLU A 120 5.18 12.89 -8.34
C GLU A 120 3.89 12.37 -8.99
N HIS A 121 3.13 13.26 -9.62
CA HIS A 121 1.92 12.82 -10.31
C HIS A 121 2.23 12.59 -11.79
N ASP A 122 3.08 11.58 -12.06
CA ASP A 122 3.46 11.22 -13.43
C ASP A 122 2.35 10.39 -14.10
N LYS A 123 2.53 9.95 -15.38
CA LYS A 123 1.49 9.17 -16.04
C LYS A 123 1.18 7.85 -15.31
N LEU A 124 2.21 7.21 -14.74
CA LEU A 124 2.06 5.99 -13.99
C LEU A 124 1.21 6.24 -12.76
N HIS A 125 1.40 7.40 -12.09
CA HIS A 125 0.57 7.74 -10.92
C HIS A 125 -0.90 7.76 -11.31
N GLU A 126 -1.20 8.39 -12.46
CA GLU A 126 -2.57 8.55 -12.93
C GLU A 126 -3.18 7.25 -13.40
N GLU A 127 -2.40 6.41 -14.09
CA GLU A 127 -2.86 5.11 -14.58
C GLU A 127 -3.24 4.22 -13.42
N ILE A 128 -2.41 4.20 -12.37
CA ILE A 128 -2.70 3.41 -11.18
C ILE A 128 -3.97 3.92 -10.51
N GLN A 129 -4.14 5.25 -10.42
CA GLN A 129 -5.31 5.87 -9.85
C GLN A 129 -6.56 5.45 -10.61
N ASN A 130 -6.53 5.55 -11.95
CA ASN A 130 -7.70 5.20 -12.75
C ASN A 130 -8.02 3.70 -12.66
N LEU A 131 -7.00 2.84 -12.63
CA LEU A 131 -7.18 1.37 -12.46
C LEU A 131 -7.80 1.04 -11.11
N ILE A 132 -7.38 1.72 -10.03
CA ILE A 132 -7.92 1.48 -8.68
C ILE A 132 -9.39 1.88 -8.64
N LYS A 133 -9.78 3.01 -9.29
CA LYS A 133 -11.16 3.46 -9.36
C LYS A 133 -12.05 2.43 -10.09
N ILE A 134 -11.63 1.94 -11.27
CA ILE A 134 -12.39 0.94 -12.00
C ILE A 134 -12.54 -0.34 -11.16
N GLN A 135 -11.45 -0.79 -10.54
CA GLN A 135 -11.49 -1.99 -9.72
C GLN A 135 -12.28 -1.84 -8.44
N ALA A 136 -12.31 -0.65 -7.84
CA ALA A 136 -13.12 -0.40 -6.64
C ALA A 136 -14.61 -0.73 -6.94
N ILE A 137 -15.04 -0.43 -8.18
CA ILE A 137 -16.37 -0.78 -8.66
C ILE A 137 -16.46 -2.27 -9.01
N ALA A 138 -15.55 -2.78 -9.86
CA ALA A 138 -15.54 -4.16 -10.33
C ALA A 138 -15.59 -5.24 -9.24
N VAL A 139 -14.89 -5.02 -8.11
CA VAL A 139 -14.91 -5.99 -7.03
C VAL A 139 -16.28 -6.03 -6.31
N CYS A 140 -17.07 -4.94 -6.40
CA CYS A 140 -18.42 -4.97 -5.83
C CYS A 140 -19.33 -5.78 -6.73
N MET A 141 -19.21 -5.58 -8.07
CA MET A 141 -19.97 -6.32 -9.08
C MET A 141 -19.66 -7.80 -8.94
N GLU A 142 -18.36 -8.17 -8.79
CA GLU A 142 -17.89 -9.55 -8.64
C GLU A 142 -18.48 -10.26 -7.41
N ASN A 143 -18.75 -9.51 -6.33
CA ASN A 143 -19.37 -10.07 -5.14
C ASN A 143 -20.94 -10.05 -5.21
N GLY A 144 -21.51 -9.46 -6.26
CA GLY A 144 -22.95 -9.35 -6.41
C GLY A 144 -23.54 -8.13 -5.73
N ASN A 145 -22.69 -7.28 -5.11
CA ASN A 145 -23.10 -6.07 -4.40
C ASN A 145 -23.29 -4.95 -5.42
N PHE A 146 -24.41 -4.97 -6.13
CA PHE A 146 -24.66 -4.00 -7.19
C PHE A 146 -25.05 -2.63 -6.62
N LYS A 147 -25.79 -2.60 -5.50
CA LYS A 147 -26.11 -1.33 -4.85
C LYS A 147 -24.84 -0.71 -4.28
N GLU A 148 -23.94 -1.55 -3.70
CA GLU A 148 -22.68 -1.07 -3.14
C GLU A 148 -21.72 -0.55 -4.23
N ALA A 149 -21.75 -1.12 -5.45
CA ALA A 149 -20.93 -0.61 -6.56
C ALA A 149 -21.40 0.82 -6.91
N GLU A 150 -22.71 1.05 -6.87
CA GLU A 150 -23.33 2.35 -7.11
C GLU A 150 -22.90 3.35 -6.02
N GLU A 151 -22.86 2.91 -4.75
CA GLU A 151 -22.44 3.74 -3.64
C GLU A 151 -20.96 4.09 -3.77
N VAL A 152 -20.10 3.12 -4.13
CA VAL A 152 -18.67 3.32 -4.35
C VAL A 152 -18.47 4.33 -5.48
N PHE A 153 -19.21 4.15 -6.60
CA PHE A 153 -19.17 5.02 -7.77
C PHE A 153 -19.46 6.47 -7.42
N GLU A 154 -20.47 6.73 -6.58
CA GLU A 154 -20.83 8.11 -6.23
C GLU A 154 -19.74 8.78 -5.37
N ARG A 155 -18.98 8.00 -4.59
CA ARG A 155 -17.90 8.53 -3.77
C ARG A 155 -16.60 8.76 -4.55
N ILE A 156 -16.39 8.03 -5.67
CA ILE A 156 -15.17 8.20 -6.47
C ILE A 156 -15.41 9.17 -7.62
N PHE A 157 -16.55 9.05 -8.29
CA PHE A 157 -16.89 9.89 -9.43
C PHE A 157 -17.93 10.95 -9.09
N GLY A 158 -17.52 11.96 -8.33
N PRO A 165 -16.82 10.54 -19.42
CA PRO A 165 -16.88 9.51 -20.48
C PRO A 165 -16.46 8.16 -19.93
N PHE A 166 -15.40 8.14 -19.11
CA PHE A 166 -14.96 6.94 -18.39
C PHE A 166 -16.08 6.61 -17.36
N LYS A 167 -16.57 7.66 -16.67
CA LYS A 167 -17.63 7.69 -15.68
C LYS A 167 -18.95 7.12 -16.24
N SER A 168 -19.37 7.52 -17.45
CA SER A 168 -20.63 7.06 -18.04
C SER A 168 -20.63 5.57 -18.38
N LYS A 169 -19.49 5.01 -18.82
CA LYS A 169 -19.42 3.58 -19.13
C LYS A 169 -19.57 2.78 -17.85
N LEU A 170 -18.88 3.19 -16.77
CA LEU A 170 -18.94 2.51 -15.48
C LEU A 170 -20.35 2.52 -14.90
N LEU A 171 -21.05 3.66 -14.94
CA LEU A 171 -22.42 3.72 -14.44
C LEU A 171 -23.34 2.84 -15.26
N MET A 172 -23.13 2.79 -16.60
CA MET A 172 -23.90 1.96 -17.50
C MET A 172 -23.78 0.47 -17.13
N ILE A 173 -22.55 0.03 -16.78
CA ILE A 173 -22.24 -1.35 -16.38
C ILE A 173 -22.88 -1.69 -15.03
N ILE A 174 -22.85 -0.76 -14.07
CA ILE A 174 -23.46 -0.97 -12.75
C ILE A 174 -24.97 -1.19 -12.89
N SER A 175 -25.63 -0.34 -13.69
CA SER A 175 -27.07 -0.41 -13.95
C SER A 175 -27.46 -1.64 -14.77
N GLN A 176 -26.57 -2.08 -15.68
CA GLN A 176 -26.81 -3.28 -16.47
C GLN A 176 -26.45 -4.57 -15.72
N LYS A 177 -25.90 -4.45 -14.48
CA LYS A 177 -25.47 -5.55 -13.62
C LYS A 177 -24.49 -6.53 -14.28
N ASP A 178 -23.90 -6.16 -15.43
CA ASP A 178 -22.95 -7.02 -16.13
C ASP A 178 -21.59 -7.09 -15.41
N THR A 179 -21.46 -8.05 -14.47
CA THR A 179 -20.24 -8.25 -13.67
C THR A 179 -19.03 -8.61 -14.51
N PHE A 180 -19.17 -9.60 -15.40
CA PHE A 180 -18.07 -10.02 -16.26
C PHE A 180 -18.02 -9.21 -17.58
N HIS A 181 -18.08 -7.87 -17.47
CA HIS A 181 -18.00 -6.96 -18.61
C HIS A 181 -16.58 -6.89 -19.17
N SER A 182 -16.43 -6.72 -20.49
CA SER A 182 -15.12 -6.65 -21.13
C SER A 182 -14.28 -5.51 -20.63
N PHE A 183 -14.90 -4.39 -20.25
CA PHE A 183 -14.20 -3.22 -19.72
C PHE A 183 -13.39 -3.61 -18.49
N PHE A 184 -13.95 -4.47 -17.62
CA PHE A 184 -13.24 -4.93 -16.43
C PHE A 184 -12.09 -5.88 -16.71
N GLN A 185 -12.02 -6.43 -17.94
CA GLN A 185 -10.94 -7.30 -18.39
C GLN A 185 -9.83 -6.45 -19.02
N HIS A 186 -10.18 -5.39 -19.74
CA HIS A 186 -9.20 -4.48 -20.33
C HIS A 186 -8.47 -3.73 -19.21
N PHE A 187 -9.19 -3.32 -18.19
CA PHE A 187 -8.62 -2.62 -17.04
C PHE A 187 -8.85 -3.53 -15.85
N SER A 188 -8.21 -4.70 -15.90
CA SER A 188 -8.32 -5.77 -14.92
C SER A 188 -7.55 -5.56 -13.62
N TYR A 189 -7.86 -6.41 -12.62
CA TYR A 189 -7.21 -6.43 -11.32
C TYR A 189 -5.72 -6.74 -11.48
N ASN A 190 -5.38 -7.63 -12.41
CA ASN A 190 -4.00 -8.01 -12.69
C ASN A 190 -3.23 -6.86 -13.34
N HIS A 191 -3.90 -6.08 -14.19
CA HIS A 191 -3.31 -4.90 -14.82
C HIS A 191 -3.00 -3.88 -13.73
N MET A 192 -3.94 -3.67 -12.80
CA MET A 192 -3.77 -2.78 -11.67
C MET A 192 -2.55 -3.25 -10.83
N MET A 193 -2.52 -4.54 -10.42
CA MET A 193 -1.41 -5.11 -9.67
C MET A 193 -0.06 -4.96 -10.35
N GLU A 194 0.01 -5.22 -11.66
CA GLU A 194 1.26 -5.13 -12.39
C GLU A 194 1.78 -3.69 -12.43
N LYS A 195 0.89 -2.71 -12.64
CA LYS A 195 1.31 -1.31 -12.67
C LYS A 195 1.76 -0.88 -11.26
N ILE A 196 1.07 -1.36 -10.21
CA ILE A 196 1.49 -1.06 -8.86
C ILE A 196 2.84 -1.74 -8.58
N LYS A 197 3.06 -2.96 -9.09
CA LYS A 197 4.34 -3.65 -8.94
C LYS A 197 5.48 -2.85 -9.57
N SER A 198 5.25 -2.21 -10.74
CA SER A 198 6.25 -1.38 -11.43
C SER A 198 6.63 -0.19 -10.58
N TYR A 199 5.64 0.44 -9.93
CA TYR A 199 5.88 1.56 -9.03
C TYR A 199 6.69 1.06 -7.83
N VAL A 200 6.30 -0.08 -7.27
CA VAL A 200 6.98 -0.68 -6.14
C VAL A 200 8.44 -0.96 -6.47
N ASN A 201 8.75 -1.34 -7.71
CA ASN A 201 10.13 -1.53 -8.18
C ASN A 201 10.96 -0.23 -8.11
N TYR A 202 10.35 0.94 -8.36
CA TYR A 202 11.07 2.21 -8.24
C TYR A 202 11.32 2.51 -6.74
N VAL A 203 10.32 2.25 -5.89
CA VAL A 203 10.48 2.45 -4.45
C VAL A 203 11.53 1.48 -3.85
N LEU A 204 11.56 0.22 -4.30
CA LEU A 204 12.48 -0.81 -3.86
C LEU A 204 13.93 -0.46 -4.21
N SER A 205 14.16 0.26 -5.30
CA SER A 205 15.52 0.65 -5.69
C SER A 205 16.01 1.85 -4.88
N GLU A 206 15.08 2.76 -4.48
CA GLU A 206 15.38 3.97 -3.71
C GLU A 206 16.00 3.66 -2.36
N LYS A 207 15.48 2.64 -1.65
CA LYS A 207 15.97 2.24 -0.33
C LYS A 207 16.01 0.71 -0.18
N SER A 208 16.54 0.03 -1.21
CA SER A 208 17.58 -0.97 -1.03
C SER A 208 18.90 -0.42 -0.46
N SER A 209 18.98 0.89 -0.22
CA SER A 209 20.18 1.56 0.33
C SER A 209 20.06 1.87 1.84
N THR A 210 19.05 1.36 2.53
CA THR A 210 18.88 1.65 3.96
C THR A 210 19.97 0.95 4.81
N PHE A 211 20.22 1.46 6.02
CA PHE A 211 21.28 0.97 6.89
C PHE A 211 21.21 -0.54 7.17
N LEU A 212 20.10 -1.04 7.74
CA LEU A 212 19.95 -2.45 8.08
C LEU A 212 20.18 -3.37 6.92
N MET A 213 19.59 -3.05 5.76
CA MET A 213 19.70 -3.86 4.56
C MET A 213 21.12 -3.87 4.03
N LYS A 214 21.78 -2.71 3.95
CA LYS A 214 23.17 -2.56 3.50
C LYS A 214 24.12 -3.34 4.38
N ALA A 215 23.95 -3.24 5.71
CA ALA A 215 24.84 -3.94 6.65
C ALA A 215 24.58 -5.45 6.59
N ALA A 216 23.30 -5.87 6.41
CA ALA A 216 22.99 -7.30 6.30
C ALA A 216 23.59 -7.89 5.00
N ALA A 217 23.46 -7.15 3.89
CA ALA A 217 24.03 -7.56 2.61
C ALA A 217 25.55 -7.70 2.71
N LYS A 218 26.23 -6.77 3.40
CA LYS A 218 27.69 -6.84 3.59
C LYS A 218 28.09 -8.15 4.29
N VAL A 219 27.34 -8.54 5.33
CA VAL A 219 27.61 -9.77 6.09
C VAL A 219 27.44 -11.01 5.20
N VAL A 220 26.40 -11.03 4.39
CA VAL A 220 26.07 -12.13 3.49
C VAL A 220 27.17 -12.29 2.46
N GLU A 221 27.56 -11.18 1.81
CA GLU A 221 28.60 -11.19 0.79
C GLU A 221 29.96 -11.59 1.35
N SER A 222 30.24 -11.29 2.64
CA SER A 222 31.53 -11.69 3.24
C SER A 222 31.55 -13.18 3.64
N LYS A 223 30.39 -13.84 3.74
CA LYS A 223 30.33 -15.28 4.04
C LYS A 223 30.27 -16.15 2.75
N ARG A 224 30.57 -15.56 1.58
CA ARG A 224 30.54 -16.28 0.30
C ARG A 224 31.94 -16.40 -0.29
#